data_6WJM
#
_entry.id   6WJM
#
_cell.length_a   39.722
_cell.length_b   73.460
_cell.length_c   42.923
_cell.angle_alpha   90.000
_cell.angle_beta   110.300
_cell.angle_gamma   90.000
#
_symmetry.space_group_name_H-M   'P 1 21 1'
#
loop_
_entity.id
_entity.type
_entity.pdbx_description
1 polymer Beta-lactamase
2 non-polymer ALANINE
3 non-polymer 'CITRIC ACID'
4 water water
#
_entity_poly.entity_id   1
_entity_poly.type   'polypeptide(L)'
_entity_poly.pdbx_seq_one_letter_code
;MGAVFDRRAFLLTLGSLVFLPAGAARAAGLDAAAAATRLAAIETSLDGRLGLFALNTADGRTLAHRSDERFAMCSTFKLV
LAGAILAQSAQTPGLLERRVAYGPEALVSYSPITQKHAAGGMTVAALCAAAVRHSDNTAANLLLDQLDGPAALTTFARTI
GDNHFRLDRREPELNTAIPGDPRDTTTPAAMGRSLQRLALGRALPAEGRALLCAWLRGCVTGAARIRAGVPAGWVVGDKT
GTGAYGVANDVAVLWPAAGAPPVLLAIYTARRQKDAAPRNDVIVAAAKVVAEWLGAAA
;
_entity_poly.pdbx_strand_id   A
#
# COMPACT_ATOMS: atom_id res chain seq x y z
N GLY A 29 2.38 -18.81 19.00
CA GLY A 29 3.17 -17.72 18.45
C GLY A 29 3.94 -16.89 19.48
N LEU A 30 4.81 -16.04 18.96
CA LEU A 30 5.64 -15.17 19.78
C LEU A 30 4.73 -14.23 20.56
N ASP A 31 4.95 -14.14 21.87
CA ASP A 31 4.16 -13.27 22.73
C ASP A 31 4.22 -11.82 22.24
N ALA A 32 3.08 -11.10 22.28
CA ALA A 32 3.04 -9.71 21.80
C ALA A 32 4.02 -8.80 22.55
N ALA A 33 4.29 -9.07 23.84
CA ALA A 33 5.24 -8.27 24.60
C ALA A 33 6.66 -8.46 24.08
N ALA A 34 6.99 -9.69 23.70
CA ALA A 34 8.31 -9.91 23.15
C ALA A 34 8.35 -9.40 21.72
N ALA A 35 7.24 -9.48 20.99
CA ALA A 35 7.24 -8.87 19.66
C ALA A 35 7.53 -7.37 19.75
N ALA A 36 7.00 -6.72 20.78
CA ALA A 36 7.22 -5.29 20.99
C ALA A 36 8.69 -4.98 21.19
N THR A 37 9.38 -5.78 22.02
CA THR A 37 10.79 -5.53 22.25
C THR A 37 11.59 -5.78 20.98
N ARG A 38 11.18 -6.74 20.17
N ARG A 38 11.21 -6.80 20.20
CA ARG A 38 11.92 -6.98 18.95
CA ARG A 38 11.86 -7.06 18.92
C ARG A 38 11.72 -5.85 17.94
C ARG A 38 11.72 -5.85 17.99
N LEU A 39 10.51 -5.30 17.87
CA LEU A 39 10.26 -4.17 16.98
C LEU A 39 11.03 -2.93 17.44
N ALA A 40 11.13 -2.73 18.77
CA ALA A 40 11.93 -1.60 19.25
C ALA A 40 13.39 -1.74 18.84
N ALA A 41 13.94 -2.95 18.91
CA ALA A 41 15.34 -3.15 18.53
C ALA A 41 15.55 -2.95 17.04
N ILE A 42 14.56 -3.36 16.24
CA ILE A 42 14.62 -3.11 14.80
C ILE A 42 14.60 -1.61 14.52
N GLU A 43 13.77 -0.85 15.24
CA GLU A 43 13.77 0.60 15.07
C GLU A 43 15.12 1.20 15.41
N THR A 44 15.79 0.69 16.46
CA THR A 44 17.13 1.18 16.76
C THR A 44 18.08 0.95 15.58
N SER A 45 17.99 -0.21 14.94
CA SER A 45 18.83 -0.49 13.78
C SER A 45 18.51 0.45 12.61
N LEU A 46 17.23 0.77 12.42
CA LEU A 46 16.81 1.67 11.36
C LEU A 46 17.42 3.07 11.51
N ASP A 47 17.62 3.53 12.74
CA ASP A 47 17.94 4.93 13.02
C ASP A 47 16.88 5.84 12.38
N GLY A 48 15.66 5.67 12.85
CA GLY A 48 14.53 6.36 12.26
C GLY A 48 13.28 5.90 12.99
N ARG A 49 12.15 6.10 12.32
N ARG A 49 12.14 6.15 12.37
CA ARG A 49 10.82 5.79 12.83
CA ARG A 49 10.85 5.74 12.90
C ARG A 49 10.29 4.56 12.10
C ARG A 49 10.30 4.56 12.12
N LEU A 50 9.93 3.53 12.85
CA LEU A 50 9.23 2.36 12.32
C LEU A 50 7.76 2.46 12.70
N GLY A 51 6.88 2.30 11.72
CA GLY A 51 5.45 2.26 11.96
C GLY A 51 4.92 0.92 11.50
N LEU A 52 4.22 0.21 12.38
CA LEU A 52 3.75 -1.12 12.03
C LEU A 52 2.37 -1.33 12.63
N PHE A 53 1.49 -1.94 11.82
CA PHE A 53 0.21 -2.42 12.29
C PHE A 53 -0.04 -3.76 11.61
N ALA A 54 -0.31 -4.78 12.43
CA ALA A 54 -0.71 -6.08 11.93
C ALA A 54 -2.03 -6.46 12.58
N LEU A 55 -2.92 -7.07 11.79
CA LEU A 55 -4.21 -7.55 12.27
C LEU A 55 -4.39 -8.97 11.76
N ASN A 56 -4.48 -9.91 12.70
CA ASN A 56 -4.72 -11.31 12.37
C ASN A 56 -6.23 -11.51 12.35
N THR A 57 -6.81 -11.74 11.16
CA THR A 57 -8.27 -11.92 11.12
C THR A 57 -8.73 -13.25 11.69
N ALA A 58 -7.83 -14.19 12.00
CA ALA A 58 -8.24 -15.43 12.66
C ALA A 58 -8.84 -15.15 14.02
N ASP A 59 -8.21 -14.25 14.79
CA ASP A 59 -8.61 -13.98 16.16
C ASP A 59 -8.89 -12.52 16.42
N GLY A 60 -8.72 -11.67 15.43
CA GLY A 60 -8.89 -10.25 15.61
C GLY A 60 -7.83 -9.52 16.42
N ARG A 61 -6.72 -10.18 16.75
N ARG A 61 -6.74 -10.18 16.78
CA ARG A 61 -5.67 -9.57 17.54
CA ARG A 61 -5.71 -9.53 17.57
C ARG A 61 -4.72 -8.75 16.65
C ARG A 61 -4.74 -8.76 16.67
N THR A 62 -4.06 -7.80 17.28
CA THR A 62 -3.18 -6.87 16.60
C THR A 62 -1.80 -6.79 17.24
N LEU A 63 -0.86 -6.35 16.40
CA LEU A 63 0.46 -5.92 16.82
C LEU A 63 0.63 -4.50 16.33
N ALA A 64 1.20 -3.65 17.15
CA ALA A 64 1.27 -2.23 16.83
C ALA A 64 2.59 -1.64 17.33
N HIS A 65 3.19 -0.77 16.50
CA HIS A 65 4.38 -0.02 16.89
C HIS A 65 4.27 1.33 16.17
N ARG A 66 4.09 2.41 16.94
CA ARG A 66 3.84 3.74 16.34
C ARG A 66 2.66 3.71 15.38
N SER A 67 1.65 2.89 15.68
CA SER A 67 0.59 2.61 14.70
C SER A 67 -0.36 3.77 14.51
N ASP A 68 -0.35 4.74 15.43
CA ASP A 68 -1.21 5.92 15.35
C ASP A 68 -0.41 7.18 14.98
N GLU A 69 0.86 7.06 14.59
CA GLU A 69 1.66 8.19 14.15
C GLU A 69 1.58 8.35 12.64
N ARG A 70 1.76 9.57 12.17
N ARG A 70 1.76 9.58 12.19
CA ARG A 70 1.71 9.83 10.74
CA ARG A 70 1.76 9.91 10.77
C ARG A 70 3.03 9.52 10.06
C ARG A 70 3.05 9.44 10.11
N PHE A 71 2.90 8.92 8.89
CA PHE A 71 4.00 8.58 8.00
C PHE A 71 3.62 8.99 6.57
N ALA A 72 4.63 9.45 5.82
CA ALA A 72 4.42 9.71 4.40
C ALA A 72 4.10 8.43 3.66
N MET A 73 3.00 8.47 2.89
CA MET A 73 2.52 7.26 2.19
C MET A 73 3.38 6.86 1.02
N CYS A 74 3.86 7.86 0.28
CA CYS A 74 4.43 7.64 -1.03
C CYS A 74 3.46 6.75 -1.82
N SER A 75 3.95 5.79 -2.61
CA SER A 75 3.03 5.08 -3.50
C SER A 75 2.05 4.15 -2.80
N THR A 76 2.13 3.97 -1.49
CA THR A 76 1.10 3.14 -0.85
C THR A 76 -0.29 3.72 -1.04
N PHE A 77 -0.41 5.04 -1.32
CA PHE A 77 -1.74 5.60 -1.56
C PHE A 77 -2.42 4.95 -2.75
N LYS A 78 -1.65 4.39 -3.67
CA LYS A 78 -2.23 3.82 -4.91
C LYS A 78 -3.17 2.66 -4.62
N LEU A 79 -3.00 1.96 -3.49
CA LEU A 79 -3.98 0.92 -3.15
C LEU A 79 -5.35 1.53 -2.90
N VAL A 80 -5.39 2.67 -2.19
CA VAL A 80 -6.65 3.34 -1.90
C VAL A 80 -7.23 3.94 -3.18
N LEU A 81 -6.36 4.47 -4.06
CA LEU A 81 -6.78 4.97 -5.36
C LEU A 81 -7.47 3.88 -6.19
N ALA A 82 -6.86 2.70 -6.28
CA ALA A 82 -7.49 1.61 -7.01
C ALA A 82 -8.83 1.25 -6.38
N GLY A 83 -8.88 1.22 -5.04
CA GLY A 83 -10.16 0.99 -4.37
C GLY A 83 -11.21 2.02 -4.74
N ALA A 84 -10.84 3.29 -4.76
CA ALA A 84 -11.79 4.33 -5.09
C ALA A 84 -12.33 4.19 -6.50
N ILE A 85 -11.47 3.82 -7.44
CA ILE A 85 -11.91 3.61 -8.81
C ILE A 85 -12.85 2.42 -8.89
N LEU A 86 -12.52 1.32 -8.20
CA LEU A 86 -13.42 0.17 -8.14
C LEU A 86 -14.75 0.52 -7.50
N ALA A 87 -14.74 1.39 -6.49
CA ALA A 87 -15.99 1.81 -5.87
C ALA A 87 -16.83 2.64 -6.83
N GLN A 88 -16.20 3.47 -7.63
N GLN A 88 -16.19 3.51 -7.59
CA GLN A 88 -16.97 4.17 -8.64
CA GLN A 88 -16.87 4.27 -8.64
C GLN A 88 -17.54 3.18 -9.67
C GLN A 88 -17.50 3.34 -9.68
N SER A 89 -16.74 2.18 -10.08
N SER A 89 -16.81 2.25 -10.04
CA SER A 89 -17.21 1.15 -11.01
CA SER A 89 -17.32 1.28 -11.02
C SER A 89 -18.43 0.40 -10.46
C SER A 89 -18.49 0.48 -10.46
N ALA A 90 -18.50 0.23 -9.15
CA ALA A 90 -19.66 -0.41 -8.53
C ALA A 90 -20.89 0.44 -8.71
N GLN A 91 -20.71 1.76 -8.61
CA GLN A 91 -21.83 2.70 -8.76
C GLN A 91 -22.25 2.85 -10.22
N THR A 92 -21.29 2.85 -11.15
CA THR A 92 -21.55 3.05 -12.58
C THR A 92 -20.84 1.95 -13.34
N PRO A 93 -21.45 0.75 -13.40
CA PRO A 93 -20.78 -0.37 -14.06
C PRO A 93 -20.45 -0.05 -15.51
N GLY A 94 -19.29 -0.49 -15.93
CA GLY A 94 -18.78 -0.21 -17.23
C GLY A 94 -17.60 0.74 -17.23
N LEU A 95 -17.44 1.51 -16.16
CA LEU A 95 -16.32 2.44 -16.07
C LEU A 95 -15.01 1.75 -16.38
N LEU A 96 -14.81 0.52 -15.91
CA LEU A 96 -13.46 -0.03 -15.99
C LEU A 96 -12.99 -0.23 -17.43
N GLU A 97 -13.92 -0.44 -18.36
N GLU A 97 -13.88 -0.46 -18.38
CA GLU A 97 -13.64 -0.70 -19.76
CA GLU A 97 -13.45 -0.68 -19.75
C GLU A 97 -13.75 0.55 -20.64
C GLU A 97 -13.43 0.60 -20.60
N ARG A 98 -13.84 1.73 -20.04
CA ARG A 98 -13.79 2.99 -20.79
C ARG A 98 -12.33 3.44 -20.97
N ARG A 99 -12.03 4.00 -22.13
N ARG A 99 -12.04 4.05 -22.11
CA ARG A 99 -10.67 4.37 -22.47
CA ARG A 99 -10.68 4.38 -22.48
C ARG A 99 -10.35 5.79 -22.02
C ARG A 99 -10.32 5.81 -22.08
N VAL A 100 -9.14 5.96 -21.48
CA VAL A 100 -8.57 7.24 -21.13
C VAL A 100 -7.55 7.64 -22.18
N ALA A 101 -7.66 8.86 -22.68
CA ALA A 101 -6.72 9.41 -23.63
C ALA A 101 -5.73 10.32 -22.91
N TYR A 102 -4.48 10.30 -23.36
CA TYR A 102 -3.42 11.11 -22.77
C TYR A 102 -2.26 11.21 -23.77
N GLY A 103 -1.37 12.16 -23.54
CA GLY A 103 -0.17 12.28 -24.34
C GLY A 103 1.09 12.17 -23.51
N PRO A 104 2.24 12.03 -24.20
CA PRO A 104 3.52 11.89 -23.47
C PRO A 104 3.90 13.06 -22.60
N GLU A 105 3.34 14.24 -22.86
N GLU A 105 3.35 14.25 -22.87
CA GLU A 105 3.60 15.39 -22.00
CA GLU A 105 3.60 15.39 -22.00
C GLU A 105 3.11 15.18 -20.58
C GLU A 105 3.19 15.09 -20.56
N ALA A 106 2.19 14.23 -20.36
CA ALA A 106 1.70 13.90 -19.02
C ALA A 106 2.58 12.92 -18.28
N LEU A 107 3.53 12.30 -18.93
CA LEU A 107 4.36 11.31 -18.28
C LEU A 107 5.25 11.94 -17.24
N VAL A 108 5.23 11.34 -16.05
N VAL A 108 5.12 11.48 -15.99
CA VAL A 108 6.08 11.73 -14.95
CA VAL A 108 6.00 11.92 -14.93
C VAL A 108 6.78 10.51 -14.37
C VAL A 108 6.97 10.77 -14.68
N SER A 109 7.98 10.75 -13.86
N SER A 109 7.88 10.93 -13.72
CA SER A 109 8.78 9.79 -13.12
CA SER A 109 8.85 9.88 -13.43
C SER A 109 8.74 8.37 -13.71
C SER A 109 8.15 8.58 -13.06
N TYR A 110 8.55 7.35 -12.86
N TYR A 110 8.82 7.46 -13.36
CA TYR A 110 8.56 5.95 -13.28
CA TYR A 110 8.44 6.07 -13.06
C TYR A 110 7.15 5.59 -13.72
C TYR A 110 7.07 5.68 -13.66
N SER A 111 7.02 5.50 -15.00
CA SER A 111 5.76 5.26 -15.70
C SER A 111 6.01 4.21 -16.78
N PRO A 112 6.36 2.97 -16.38
CA PRO A 112 6.81 1.97 -17.36
C PRO A 112 5.73 1.46 -18.28
N ILE A 113 4.47 1.48 -17.84
CA ILE A 113 3.37 0.99 -18.67
C ILE A 113 2.75 2.12 -19.47
N THR A 114 2.43 3.24 -18.82
CA THR A 114 1.79 4.33 -19.54
C THR A 114 2.68 4.91 -20.63
N GLN A 115 4.00 4.84 -20.46
CA GLN A 115 4.87 5.39 -21.52
C GLN A 115 4.76 4.58 -22.79
N LYS A 116 4.22 3.38 -22.76
CA LYS A 116 4.07 2.55 -23.96
C LYS A 116 2.77 2.78 -24.74
N HIS A 117 1.80 3.48 -24.16
CA HIS A 117 0.42 3.42 -24.64
C HIS A 117 -0.22 4.78 -24.90
N ALA A 118 0.57 5.85 -25.02
CA ALA A 118 -0.07 7.15 -25.22
C ALA A 118 -0.83 7.24 -26.55
N ALA A 119 -0.35 6.57 -27.61
CA ALA A 119 -1.02 6.75 -28.91
C ALA A 119 -2.45 6.25 -28.88
N GLY A 120 -2.68 5.08 -28.29
CA GLY A 120 -4.01 4.51 -28.25
C GLY A 120 -4.73 4.64 -26.93
N GLY A 121 -4.10 5.17 -25.90
CA GLY A 121 -4.71 5.30 -24.61
C GLY A 121 -4.75 3.96 -23.86
N MET A 122 -5.37 4.00 -22.68
CA MET A 122 -5.49 2.81 -21.84
C MET A 122 -6.86 2.81 -21.19
N THR A 123 -7.39 1.61 -20.94
CA THR A 123 -8.64 1.55 -20.18
C THR A 123 -8.40 1.92 -18.71
N VAL A 124 -9.49 2.30 -18.02
CA VAL A 124 -9.41 2.56 -16.60
C VAL A 124 -8.85 1.33 -15.85
N ALA A 125 -9.32 0.13 -16.18
CA ALA A 125 -8.81 -1.07 -15.53
C ALA A 125 -7.33 -1.25 -15.78
N ALA A 126 -6.86 -1.02 -17.01
CA ALA A 126 -5.44 -1.19 -17.29
C ALA A 126 -4.61 -0.16 -16.50
N LEU A 127 -5.11 1.04 -16.34
CA LEU A 127 -4.43 2.06 -15.52
C LEU A 127 -4.37 1.62 -14.06
N CYS A 128 -5.46 1.08 -13.51
CA CYS A 128 -5.42 0.59 -12.13
C CYS A 128 -4.38 -0.50 -11.97
N ALA A 129 -4.35 -1.45 -12.90
CA ALA A 129 -3.40 -2.54 -12.80
C ALA A 129 -1.97 -1.99 -12.87
N ALA A 130 -1.71 -1.02 -13.75
CA ALA A 130 -0.36 -0.48 -13.85
C ALA A 130 0.02 0.25 -12.57
N ALA A 131 -0.92 1.01 -11.99
CA ALA A 131 -0.64 1.75 -10.77
C ALA A 131 -0.32 0.83 -9.60
N VAL A 132 -1.05 -0.29 -9.49
CA VAL A 132 -0.82 -1.21 -8.37
C VAL A 132 0.35 -2.15 -8.62
N ARG A 133 0.38 -2.79 -9.80
CA ARG A 133 1.41 -3.81 -10.03
C ARG A 133 2.80 -3.22 -10.18
N HIS A 134 2.89 -2.06 -10.86
CA HIS A 134 4.15 -1.47 -11.25
C HIS A 134 4.37 -0.12 -10.61
N SER A 135 3.44 0.39 -9.83
CA SER A 135 3.55 1.70 -9.23
C SER A 135 3.58 2.83 -10.27
N ASP A 136 2.98 2.59 -11.43
CA ASP A 136 3.08 3.55 -12.53
C ASP A 136 2.52 4.92 -12.11
N ASN A 137 3.41 5.93 -12.11
N ASN A 137 3.34 5.95 -12.22
CA ASN A 137 3.09 7.26 -11.60
CA ASN A 137 3.00 7.22 -11.61
C ASN A 137 2.04 7.96 -12.47
C ASN A 137 2.08 8.07 -12.49
N THR A 138 2.23 7.96 -13.79
CA THR A 138 1.28 8.62 -14.66
C THR A 138 -0.07 7.92 -14.60
N ALA A 139 -0.08 6.59 -14.50
CA ALA A 139 -1.36 5.91 -14.34
C ALA A 139 -2.10 6.44 -13.12
N ALA A 140 -1.38 6.59 -12.00
CA ALA A 140 -2.00 7.13 -10.81
C ALA A 140 -2.56 8.53 -11.03
N ASN A 141 -1.79 9.41 -11.69
CA ASN A 141 -2.30 10.74 -11.98
C ASN A 141 -3.53 10.71 -12.85
N LEU A 142 -3.57 9.85 -13.86
CA LEU A 142 -4.74 9.78 -14.73
C LEU A 142 -5.97 9.27 -13.96
N LEU A 143 -5.75 8.33 -13.03
CA LEU A 143 -6.86 7.87 -12.19
C LEU A 143 -7.31 8.95 -11.22
N LEU A 144 -6.36 9.73 -10.66
CA LEU A 144 -6.77 10.89 -9.86
C LEU A 144 -7.62 11.84 -10.69
N ASP A 145 -7.25 12.07 -11.97
CA ASP A 145 -8.08 12.93 -12.80
C ASP A 145 -9.48 12.36 -12.94
N GLN A 146 -9.58 11.05 -13.16
CA GLN A 146 -10.88 10.39 -13.30
C GLN A 146 -11.74 10.55 -12.03
N LEU A 147 -11.11 10.54 -10.87
CA LEU A 147 -11.79 10.72 -9.58
C LEU A 147 -12.06 12.18 -9.25
N ASP A 148 -11.46 13.11 -9.98
CA ASP A 148 -11.54 14.54 -9.74
C ASP A 148 -10.62 15.02 -8.62
N GLY A 149 -9.52 14.31 -8.37
CA GLY A 149 -8.39 14.86 -7.67
C GLY A 149 -8.10 14.31 -6.28
N PRO A 150 -6.99 14.79 -5.69
CA PRO A 150 -6.59 14.29 -4.36
C PRO A 150 -7.63 14.46 -3.26
N ALA A 151 -8.33 15.58 -3.23
CA ALA A 151 -9.36 15.76 -2.20
C ALA A 151 -10.47 14.73 -2.37
N ALA A 152 -10.84 14.40 -3.62
CA ALA A 152 -11.86 13.38 -3.85
C ALA A 152 -11.40 12.01 -3.36
N LEU A 153 -10.11 11.70 -3.55
CA LEU A 153 -9.61 10.42 -3.02
C LEU A 153 -9.66 10.44 -1.49
N THR A 154 -9.31 11.58 -0.89
CA THR A 154 -9.38 11.70 0.57
C THR A 154 -10.82 11.51 1.07
N THR A 155 -11.79 12.08 0.38
CA THR A 155 -13.19 11.87 0.71
C THR A 155 -13.56 10.40 0.64
N PHE A 156 -13.10 9.69 -0.40
CA PHE A 156 -13.35 8.26 -0.48
C PHE A 156 -12.80 7.55 0.76
N ALA A 157 -11.57 7.87 1.15
CA ALA A 157 -11.01 7.26 2.35
C ALA A 157 -11.90 7.51 3.57
N ARG A 158 -12.41 8.73 3.70
CA ARG A 158 -13.30 9.01 4.81
C ARG A 158 -14.56 8.15 4.75
N THR A 159 -15.10 7.88 3.55
CA THR A 159 -16.29 7.05 3.44
C THR A 159 -16.06 5.62 3.86
N ILE A 160 -14.83 5.12 3.81
CA ILE A 160 -14.51 3.77 4.29
C ILE A 160 -13.92 3.80 5.70
N GLY A 161 -14.18 4.87 6.45
CA GLY A 161 -13.87 4.91 7.87
C GLY A 161 -12.45 5.32 8.18
N ASP A 162 -11.69 5.84 7.22
CA ASP A 162 -10.30 6.21 7.44
C ASP A 162 -10.26 7.70 7.70
N ASN A 163 -9.91 8.09 8.94
CA ASN A 163 -9.85 9.49 9.33
C ASN A 163 -8.47 10.08 9.24
N HIS A 164 -7.48 9.32 8.84
CA HIS A 164 -6.09 9.75 8.82
C HIS A 164 -5.52 9.93 7.42
N PHE A 165 -5.90 9.10 6.49
CA PHE A 165 -5.40 9.26 5.14
C PHE A 165 -5.65 10.68 4.65
N ARG A 166 -4.65 11.28 4.03
CA ARG A 166 -4.86 12.53 3.30
C ARG A 166 -3.92 12.56 2.12
N LEU A 167 -4.49 12.75 0.93
CA LEU A 167 -3.70 13.01 -0.27
C LEU A 167 -3.89 14.46 -0.62
N ASP A 168 -2.77 15.13 -0.79
CA ASP A 168 -2.70 16.57 -1.02
C ASP A 168 -2.11 16.94 -2.36
N ARG A 169 -1.20 16.13 -2.88
CA ARG A 169 -0.45 16.42 -4.09
C ARG A 169 -0.60 15.26 -5.07
N ARG A 170 -0.19 15.51 -6.30
CA ARG A 170 -0.13 14.52 -7.37
C ARG A 170 1.32 14.03 -7.56
N GLU A 171 1.49 13.00 -8.37
CA GLU A 171 2.83 12.53 -8.66
C GLU A 171 3.53 13.53 -9.59
N PRO A 172 4.83 13.78 -9.41
CA PRO A 172 5.73 13.08 -8.51
C PRO A 172 6.02 13.88 -7.21
N GLU A 173 5.17 14.83 -6.87
CA GLU A 173 5.45 15.80 -5.81
C GLU A 173 5.11 15.29 -4.41
N LEU A 174 4.36 14.21 -4.29
CA LEU A 174 3.86 13.78 -2.99
C LEU A 174 4.86 12.96 -2.19
N ASN A 175 6.11 12.83 -2.65
CA ASN A 175 7.12 11.97 -2.05
C ASN A 175 8.20 12.72 -1.27
N THR A 176 7.99 14.00 -0.98
CA THR A 176 8.99 14.80 -0.28
C THR A 176 9.25 14.33 1.15
N ALA A 177 8.20 13.79 1.79
CA ALA A 177 8.33 13.08 3.07
C ALA A 177 9.04 13.90 4.15
N ILE A 178 8.78 15.20 4.19
CA ILE A 178 9.50 16.06 5.13
C ILE A 178 9.02 15.75 6.54
N PRO A 179 9.89 15.46 7.50
CA PRO A 179 9.43 15.07 8.84
C PRO A 179 8.51 16.12 9.46
N GLY A 180 7.34 15.67 9.90
CA GLY A 180 6.33 16.49 10.51
C GLY A 180 5.33 17.08 9.55
N ASP A 181 5.61 17.05 8.26
CA ASP A 181 4.68 17.63 7.28
C ASP A 181 3.50 16.67 7.14
N PRO A 182 2.27 17.12 7.35
CA PRO A 182 1.13 16.20 7.31
C PRO A 182 0.66 15.87 5.90
N ARG A 183 1.15 16.56 4.89
CA ARG A 183 0.66 16.29 3.54
C ARG A 183 0.98 14.86 3.11
N ASP A 184 0.01 14.22 2.45
CA ASP A 184 0.26 12.90 1.82
C ASP A 184 0.71 11.86 2.83
N THR A 185 0.04 11.85 3.98
CA THR A 185 0.34 10.94 5.09
C THR A 185 -0.85 10.07 5.45
N THR A 186 -0.56 8.99 6.18
CA THR A 186 -1.56 8.21 6.88
C THR A 186 -0.94 7.68 8.16
N THR A 187 -1.68 6.85 8.90
CA THR A 187 -1.07 6.09 10.00
C THR A 187 -1.05 4.63 9.62
N PRO A 188 -0.15 3.84 10.20
CA PRO A 188 -0.15 2.40 9.88
C PRO A 188 -1.47 1.72 10.19
N ALA A 189 -2.06 2.03 11.32
CA ALA A 189 -3.34 1.44 11.70
C ALA A 189 -4.44 1.85 10.72
N ALA A 190 -4.48 3.13 10.34
CA ALA A 190 -5.53 3.54 9.40
C ALA A 190 -5.38 2.81 8.08
N MET A 191 -4.15 2.70 7.59
CA MET A 191 -3.96 2.02 6.32
C MET A 191 -4.27 0.53 6.43
N GLY A 192 -3.86 -0.11 7.51
CA GLY A 192 -4.17 -1.53 7.66
C GLY A 192 -5.67 -1.78 7.72
N ARG A 193 -6.41 -0.92 8.41
CA ARG A 193 -7.84 -1.10 8.52
C ARG A 193 -8.55 -0.76 7.20
N SER A 194 -8.03 0.21 6.45
CA SER A 194 -8.56 0.47 5.10
C SER A 194 -8.30 -0.69 4.16
N LEU A 195 -7.09 -1.27 4.22
CA LEU A 195 -6.82 -2.43 3.38
C LEU A 195 -7.76 -3.58 3.74
N GLN A 196 -8.03 -3.79 5.03
CA GLN A 196 -8.99 -4.82 5.39
C GLN A 196 -10.35 -4.56 4.74
N ARG A 197 -10.86 -3.33 4.86
CA ARG A 197 -12.18 -3.04 4.30
C ARG A 197 -12.22 -3.23 2.79
N LEU A 198 -11.17 -2.80 2.10
CA LEU A 198 -11.11 -2.89 0.64
C LEU A 198 -10.87 -4.31 0.14
N ALA A 199 -9.85 -4.98 0.67
CA ALA A 199 -9.41 -6.27 0.14
C ALA A 199 -10.15 -7.45 0.73
N LEU A 200 -10.71 -7.31 1.93
CA LEU A 200 -11.36 -8.42 2.63
C LEU A 200 -12.81 -8.14 2.97
N GLY A 201 -13.23 -6.88 3.07
CA GLY A 201 -14.52 -6.46 3.52
C GLY A 201 -15.47 -6.11 2.39
N ARG A 202 -16.41 -5.22 2.69
CA ARG A 202 -17.46 -4.84 1.75
C ARG A 202 -17.39 -3.37 1.32
N ALA A 203 -16.23 -2.74 1.39
CA ALA A 203 -16.13 -1.45 0.74
C ALA A 203 -16.42 -1.55 -0.75
N LEU A 204 -16.13 -2.69 -1.33
CA LEU A 204 -16.39 -3.00 -2.74
C LEU A 204 -17.29 -4.22 -2.83
N PRO A 205 -18.00 -4.40 -3.94
CA PRO A 205 -18.67 -5.69 -4.17
C PRO A 205 -17.63 -6.80 -4.27
N ALA A 206 -18.09 -8.05 -4.15
CA ALA A 206 -17.17 -9.18 -4.14
C ALA A 206 -16.32 -9.25 -5.40
N GLU A 207 -16.90 -8.92 -6.57
CA GLU A 207 -16.13 -8.97 -7.80
C GLU A 207 -14.98 -7.95 -7.77
N GLY A 208 -15.26 -6.74 -7.27
CA GLY A 208 -14.22 -5.72 -7.19
C GLY A 208 -13.17 -6.02 -6.13
N ARG A 209 -13.60 -6.52 -4.97
CA ARG A 209 -12.66 -6.95 -3.95
C ARG A 209 -11.70 -8.00 -4.52
N ALA A 210 -12.24 -8.95 -5.28
CA ALA A 210 -11.43 -10.01 -5.84
C ALA A 210 -10.40 -9.43 -6.83
N LEU A 211 -10.84 -8.48 -7.65
CA LEU A 211 -9.94 -7.85 -8.61
C LEU A 211 -8.83 -7.08 -7.92
N LEU A 212 -9.16 -6.32 -6.87
CA LEU A 212 -8.13 -5.60 -6.13
C LEU A 212 -7.10 -6.57 -5.58
N CYS A 213 -7.56 -7.69 -4.99
CA CYS A 213 -6.62 -8.66 -4.45
C CYS A 213 -5.75 -9.26 -5.56
N ALA A 214 -6.32 -9.48 -6.75
CA ALA A 214 -5.52 -9.97 -7.87
C ALA A 214 -4.44 -8.98 -8.26
N TRP A 215 -4.76 -7.67 -8.30
CA TRP A 215 -3.76 -6.68 -8.61
C TRP A 215 -2.67 -6.67 -7.54
N LEU A 216 -3.05 -6.72 -6.25
CA LEU A 216 -2.07 -6.74 -5.18
C LEU A 216 -1.16 -7.96 -5.26
N ARG A 217 -1.72 -9.14 -5.56
CA ARG A 217 -0.88 -10.32 -5.74
C ARG A 217 0.08 -10.16 -6.91
N GLY A 218 -0.28 -9.33 -7.89
CA GLY A 218 0.56 -9.07 -9.04
C GLY A 218 1.56 -7.96 -8.85
N CYS A 219 1.68 -7.40 -7.64
CA CYS A 219 2.69 -6.37 -7.42
C CYS A 219 4.09 -6.95 -7.64
N VAL A 220 4.89 -6.27 -8.45
CA VAL A 220 6.24 -6.73 -8.75
C VAL A 220 7.31 -5.81 -8.20
N THR A 221 6.95 -4.87 -7.33
CA THR A 221 7.89 -3.91 -6.80
C THR A 221 8.33 -4.18 -5.37
N GLY A 222 7.81 -5.22 -4.72
CA GLY A 222 8.02 -5.44 -3.32
C GLY A 222 8.68 -6.74 -2.91
N ALA A 223 9.37 -7.43 -3.82
CA ALA A 223 9.92 -8.74 -3.46
C ALA A 223 10.82 -8.67 -2.24
N ALA A 224 11.64 -7.60 -2.16
CA ALA A 224 12.66 -7.45 -1.14
C ALA A 224 12.12 -6.89 0.19
N ARG A 225 10.80 -6.70 0.29
CA ARG A 225 10.18 -6.11 1.47
C ARG A 225 9.39 -7.19 2.23
N ILE A 226 8.10 -7.02 2.47
CA ILE A 226 7.37 -8.00 3.30
C ILE A 226 7.53 -9.42 2.81
N ARG A 227 7.44 -9.63 1.48
N ARG A 227 7.43 -9.65 1.50
CA ARG A 227 7.54 -10.97 0.88
CA ARG A 227 7.50 -11.03 1.01
C ARG A 227 8.79 -11.71 1.35
C ARG A 227 8.78 -11.73 1.48
N ALA A 228 9.91 -11.01 1.49
CA ALA A 228 11.16 -11.63 1.89
C ALA A 228 11.19 -12.03 3.36
N GLY A 229 10.29 -11.51 4.18
CA GLY A 229 10.27 -11.81 5.59
C GLY A 229 9.25 -12.81 6.05
N VAL A 230 8.47 -13.40 5.15
CA VAL A 230 7.46 -14.37 5.53
C VAL A 230 7.81 -15.73 4.97
N PRO A 231 7.24 -16.79 5.54
CA PRO A 231 7.56 -18.15 5.07
C PRO A 231 7.25 -18.35 3.60
N ALA A 232 7.98 -19.28 3.00
CA ALA A 232 7.90 -19.54 1.57
C ALA A 232 6.50 -19.93 1.11
N GLY A 233 5.72 -20.57 1.97
CA GLY A 233 4.39 -20.97 1.48
C GLY A 233 3.30 -19.93 1.54
N TRP A 234 3.60 -18.75 2.05
CA TRP A 234 2.59 -17.70 2.19
C TRP A 234 2.47 -16.94 0.90
N VAL A 235 1.24 -16.53 0.59
CA VAL A 235 0.99 -15.69 -0.58
C VAL A 235 0.80 -14.26 -0.11
N VAL A 236 1.41 -13.33 -0.80
CA VAL A 236 1.42 -11.93 -0.43
C VAL A 236 0.81 -11.09 -1.54
N GLY A 237 -0.10 -10.19 -1.17
CA GLY A 237 -0.53 -9.13 -2.08
C GLY A 237 -0.12 -7.81 -1.44
N ASP A 238 0.63 -6.97 -2.13
CA ASP A 238 1.18 -5.80 -1.46
C ASP A 238 1.19 -4.58 -2.37
N LYS A 239 1.48 -3.44 -1.74
CA LYS A 239 1.77 -2.20 -2.45
C LYS A 239 2.90 -1.49 -1.70
N THR A 240 3.96 -1.15 -2.41
CA THR A 240 5.12 -0.47 -1.87
C THR A 240 4.98 1.05 -1.95
N GLY A 241 5.85 1.73 -1.21
CA GLY A 241 6.12 3.14 -1.42
C GLY A 241 7.54 3.44 -1.00
N THR A 242 8.16 4.42 -1.65
CA THR A 242 9.53 4.83 -1.35
C THR A 242 9.61 6.32 -1.59
N GLY A 243 10.37 7.03 -0.77
CA GLY A 243 10.48 8.47 -0.94
C GLY A 243 11.73 9.03 -0.28
N ALA A 244 11.76 10.36 -0.17
CA ALA A 244 12.88 11.03 0.47
C ALA A 244 12.89 10.68 1.97
N TYR A 245 13.93 11.15 2.68
CA TYR A 245 14.10 10.79 4.07
C TYR A 245 14.19 9.27 4.25
N GLY A 246 14.71 8.58 3.23
CA GLY A 246 14.86 7.13 3.34
C GLY A 246 13.57 6.38 3.54
N VAL A 247 12.44 6.99 3.16
CA VAL A 247 11.14 6.33 3.37
C VAL A 247 11.07 5.06 2.56
N ALA A 248 10.68 3.97 3.22
CA ALA A 248 10.46 2.68 2.57
C ALA A 248 9.28 2.03 3.27
N ASN A 249 8.22 1.78 2.50
CA ASN A 249 6.95 1.30 3.04
C ASN A 249 6.51 0.07 2.27
N ASP A 250 5.71 -0.76 2.92
CA ASP A 250 5.05 -1.87 2.23
C ASP A 250 3.79 -2.20 3.02
N VAL A 251 2.67 -2.36 2.29
N VAL A 251 2.66 -2.27 2.34
CA VAL A 251 1.38 -2.64 2.90
CA VAL A 251 1.42 -2.69 2.98
C VAL A 251 0.83 -3.88 2.21
C VAL A 251 0.98 -3.94 2.25
N ALA A 252 0.46 -4.90 3.00
CA ALA A 252 0.17 -6.19 2.41
C ALA A 252 -1.00 -6.90 3.07
N VAL A 253 -1.66 -7.74 2.25
CA VAL A 253 -2.46 -8.85 2.75
C VAL A 253 -1.59 -10.08 2.68
N LEU A 254 -1.57 -10.84 3.78
CA LEU A 254 -0.85 -12.10 3.85
C LEU A 254 -1.87 -13.24 3.92
N TRP A 255 -1.70 -14.22 3.06
CA TRP A 255 -2.50 -15.44 3.09
C TRP A 255 -1.57 -16.57 3.50
N PRO A 256 -1.60 -17.03 4.74
N PRO A 256 -1.58 -16.97 4.75
CA PRO A 256 -0.67 -18.11 5.14
CA PRO A 256 -0.66 -18.03 5.18
C PRO A 256 -0.83 -19.41 4.37
C PRO A 256 -1.10 -19.39 4.65
N ALA A 257 -2.06 -19.81 4.09
N ALA A 257 -0.30 -20.41 4.93
CA ALA A 257 -2.35 -21.07 3.41
CA ALA A 257 -0.59 -21.75 4.49
C ALA A 257 -3.70 -20.89 2.73
C ALA A 257 -1.86 -22.29 5.16
N ALA A 258 -3.96 -21.74 1.75
N ALA A 258 -2.33 -23.44 4.65
CA ALA A 258 -5.23 -21.62 1.04
CA ALA A 258 -3.48 -24.15 5.20
C ALA A 258 -6.36 -21.80 2.03
C ALA A 258 -4.79 -23.38 5.08
N GLY A 259 -7.30 -20.85 2.04
N GLY A 259 -4.93 -22.59 4.02
CA GLY A 259 -8.44 -20.93 2.91
CA GLY A 259 -6.14 -21.85 3.71
C GLY A 259 -8.24 -20.38 4.33
C GLY A 259 -6.64 -21.04 4.90
N ALA A 260 -7.00 -20.18 4.78
N ALA A 260 -5.76 -20.30 5.49
CA ALA A 260 -6.79 -19.76 6.17
CA ALA A 260 -6.00 -19.66 6.77
C ALA A 260 -7.13 -18.27 6.34
C ALA A 260 -6.56 -18.24 6.61
N PRO A 261 -7.37 -17.80 7.58
CA PRO A 261 -7.72 -16.36 7.71
C PRO A 261 -6.55 -15.45 7.40
N PRO A 262 -6.78 -14.46 6.56
CA PRO A 262 -5.68 -13.57 6.15
C PRO A 262 -5.24 -12.66 7.28
N VAL A 263 -4.08 -12.04 7.06
CA VAL A 263 -3.47 -11.10 7.99
C VAL A 263 -3.19 -9.82 7.22
N LEU A 264 -3.51 -8.67 7.83
CA LEU A 264 -3.16 -7.37 7.26
C LEU A 264 -1.87 -6.90 7.91
N LEU A 265 -0.96 -6.32 7.11
CA LEU A 265 0.30 -5.84 7.63
C LEU A 265 0.68 -4.55 6.91
N ALA A 266 0.74 -3.45 7.67
CA ALA A 266 1.16 -2.16 7.15
C ALA A 266 2.46 -1.78 7.82
N ILE A 267 3.51 -1.58 7.02
CA ILE A 267 4.82 -1.20 7.52
C ILE A 267 5.26 0.09 6.82
N TYR A 268 5.58 1.08 7.63
CA TYR A 268 6.10 2.37 7.19
C TYR A 268 7.44 2.60 7.87
N THR A 269 8.39 3.18 7.15
CA THR A 269 9.64 3.60 7.75
C THR A 269 9.96 5.01 7.29
N ALA A 270 10.67 5.74 8.17
CA ALA A 270 11.13 7.08 7.85
C ALA A 270 12.46 7.27 8.57
N ARG A 271 13.39 7.96 7.92
CA ARG A 271 14.74 8.16 8.45
C ARG A 271 14.98 9.66 8.63
N ARG A 272 16.21 10.02 9.01
CA ARG A 272 16.36 11.25 9.77
C ARG A 272 16.90 12.42 8.96
N GLN A 273 17.41 12.17 7.76
CA GLN A 273 17.94 13.21 6.88
C GLN A 273 17.40 12.98 5.49
N LYS A 274 17.34 14.07 4.73
CA LYS A 274 16.64 14.04 3.45
C LYS A 274 17.20 12.99 2.53
N ASP A 275 18.52 12.84 2.47
N ASP A 275 18.51 12.77 2.58
CA ASP A 275 19.13 11.89 1.54
CA ASP A 275 19.26 11.94 1.65
C ASP A 275 19.49 10.54 2.17
C ASP A 275 19.42 10.51 2.14
N ALA A 276 18.81 10.15 3.25
CA ALA A 276 19.03 8.83 3.85
C ALA A 276 18.66 7.70 2.88
N ALA A 277 19.37 6.59 3.02
CA ALA A 277 19.08 5.41 2.19
C ALA A 277 17.85 4.64 2.72
N PRO A 278 17.04 4.04 1.86
CA PRO A 278 15.95 3.16 2.35
C PRO A 278 16.56 1.91 2.98
N ARG A 279 15.82 1.34 3.93
CA ARG A 279 16.29 0.19 4.70
C ARG A 279 15.32 -1.00 4.52
N ASN A 280 15.41 -1.70 3.39
CA ASN A 280 14.57 -2.88 3.18
C ASN A 280 14.77 -3.91 4.27
N ASP A 281 16.01 -4.05 4.75
CA ASP A 281 16.30 -5.03 5.79
C ASP A 281 15.44 -4.82 7.04
N VAL A 282 15.08 -3.57 7.34
CA VAL A 282 14.22 -3.29 8.49
C VAL A 282 12.82 -3.81 8.24
N ILE A 283 12.30 -3.62 7.04
CA ILE A 283 10.98 -4.13 6.69
C ILE A 283 10.95 -5.64 6.79
N VAL A 284 11.98 -6.29 6.24
CA VAL A 284 12.07 -7.76 6.30
C VAL A 284 12.08 -8.24 7.75
N ALA A 285 12.91 -7.61 8.58
CA ALA A 285 13.01 -8.03 9.97
C ALA A 285 11.69 -7.84 10.72
N ALA A 286 10.99 -6.74 10.45
CA ALA A 286 9.71 -6.49 11.10
C ALA A 286 8.66 -7.49 10.63
N ALA A 287 8.65 -7.81 9.33
CA ALA A 287 7.72 -8.82 8.82
C ALA A 287 7.99 -10.19 9.46
N LYS A 288 9.27 -10.52 9.69
N LYS A 288 9.26 -10.50 9.71
CA LYS A 288 9.61 -11.77 10.36
CA LYS A 288 9.60 -11.77 10.34
C LYS A 288 9.04 -11.81 11.77
C LYS A 288 9.07 -11.82 11.77
N VAL A 289 9.13 -10.70 12.50
CA VAL A 289 8.51 -10.64 13.84
C VAL A 289 7.02 -10.95 13.74
N VAL A 290 6.33 -10.32 12.77
CA VAL A 290 4.91 -10.58 12.60
C VAL A 290 4.67 -12.06 12.31
N ALA A 291 5.46 -12.65 11.42
CA ALA A 291 5.29 -14.06 11.10
C ALA A 291 5.47 -14.93 12.34
N GLU A 292 6.47 -14.61 13.17
CA GLU A 292 6.67 -15.37 14.40
C GLU A 292 5.50 -15.18 15.37
N TRP A 293 4.96 -13.97 15.46
CA TRP A 293 3.77 -13.70 16.28
C TRP A 293 2.58 -14.54 15.80
N LEU A 294 2.48 -14.78 14.49
CA LEU A 294 1.45 -15.61 13.93
C LEU A 294 1.72 -17.10 14.10
N GLY A 295 2.91 -17.51 14.48
CA GLY A 295 3.22 -18.93 14.69
C GLY A 295 4.28 -19.50 13.77
N ALA A 296 4.85 -18.72 12.87
CA ALA A 296 5.85 -19.24 11.96
C ALA A 296 7.12 -19.59 12.72
N ALA A 297 7.85 -20.57 12.19
CA ALA A 297 9.08 -21.04 12.82
C ALA A 297 10.18 -19.98 12.77
#